data_2N8S
#
_entry.id   2N8S
#
_entity_poly.entity_id   1
_entity_poly.type   'polypeptide(L)'
_entity_poly.pdbx_seq_one_letter_code
;GSPSPLPPGWEERQDVLGRTYYVNHESRTTQWKRPSPED
;
_entity_poly.pdbx_strand_id   A
#
# COMPACT_ATOMS: atom_id res chain seq x y z
N GLY A 1 11.38 -4.13 8.69
CA GLY A 1 10.56 -3.02 8.16
C GLY A 1 11.37 -2.07 7.30
N SER A 2 10.81 -1.70 6.16
CA SER A 2 11.49 -0.80 5.23
C SER A 2 10.65 0.45 4.97
N PRO A 3 11.29 1.61 4.87
CA PRO A 3 10.59 2.88 4.64
C PRO A 3 10.17 3.06 3.18
N SER A 4 8.89 2.90 2.93
CA SER A 4 8.34 3.12 1.59
C SER A 4 7.68 4.50 1.50
N PRO A 5 8.14 5.34 0.57
CA PRO A 5 7.55 6.67 0.36
C PRO A 5 6.16 6.59 -0.26
N LEU A 6 5.17 6.35 0.59
CA LEU A 6 3.79 6.20 0.16
C LEU A 6 2.92 7.33 0.67
N PRO A 7 1.73 7.52 0.08
CA PRO A 7 0.70 8.41 0.59
C PRO A 7 0.39 8.16 2.07
N PRO A 8 -0.04 9.21 2.79
CA PRO A 8 -0.37 9.12 4.22
C PRO A 8 -1.41 8.05 4.53
N GLY A 9 -1.08 7.17 5.45
CA GLY A 9 -1.99 6.13 5.84
C GLY A 9 -1.74 4.82 5.11
N TRP A 10 -1.02 4.89 4.00
CA TRP A 10 -0.73 3.70 3.21
C TRP A 10 0.52 2.98 3.71
N GLU A 11 0.48 1.66 3.66
CA GLU A 11 1.63 0.85 4.03
C GLU A 11 1.75 -0.36 3.12
N GLU A 12 2.98 -0.78 2.86
CA GLU A 12 3.25 -1.93 2.02
C GLU A 12 3.23 -3.20 2.84
N ARG A 13 2.37 -4.14 2.48
CA ARG A 13 2.20 -5.36 3.25
C ARG A 13 2.21 -6.59 2.35
N GLN A 14 2.28 -7.75 2.97
CA GLN A 14 2.12 -8.99 2.25
C GLN A 14 1.38 -9.97 3.15
N ASP A 15 0.66 -10.88 2.54
CA ASP A 15 0.04 -11.96 3.29
C ASP A 15 0.92 -13.19 3.21
N VAL A 16 0.45 -14.30 3.77
CA VAL A 16 1.19 -15.55 3.77
C VAL A 16 1.40 -16.06 2.33
N LEU A 17 0.55 -15.63 1.41
CA LEU A 17 0.63 -16.10 0.04
C LEU A 17 1.79 -15.44 -0.69
N GLY A 18 2.12 -14.22 -0.31
CA GLY A 18 3.33 -13.61 -0.84
C GLY A 18 3.00 -12.52 -1.84
N ARG A 19 1.74 -12.45 -2.21
CA ARG A 19 1.30 -11.36 -3.05
C ARG A 19 1.36 -10.08 -2.22
N THR A 20 2.14 -9.12 -2.69
CA THR A 20 2.35 -7.93 -1.92
C THR A 20 1.14 -7.01 -2.08
N TYR A 21 0.34 -6.93 -1.03
CA TYR A 21 -0.82 -6.04 -1.05
C TYR A 21 -0.63 -4.91 -0.03
N TYR A 22 -1.01 -3.70 -0.41
CA TYR A 22 -0.92 -2.56 0.49
C TYR A 22 -2.23 -2.36 1.22
N VAL A 23 -2.21 -1.53 2.26
CA VAL A 23 -3.41 -1.22 3.01
C VAL A 23 -3.33 0.18 3.60
N ASN A 24 -4.43 0.91 3.50
CA ASN A 24 -4.55 2.24 4.09
C ASN A 24 -5.25 2.12 5.44
N HIS A 25 -4.66 2.67 6.48
CA HIS A 25 -5.21 2.55 7.82
C HIS A 25 -6.53 3.30 7.98
N GLU A 26 -6.76 4.29 7.12
CA GLU A 26 -7.93 5.16 7.25
C GLU A 26 -9.22 4.40 6.91
N SER A 27 -9.31 3.89 5.69
CA SER A 27 -10.52 3.21 5.25
C SER A 27 -10.31 1.69 5.21
N ARG A 28 -9.07 1.28 5.48
CA ARG A 28 -8.68 -0.13 5.43
C ARG A 28 -8.79 -0.65 4.00
N THR A 29 -8.60 0.25 3.05
CA THR A 29 -8.58 -0.10 1.64
C THR A 29 -7.30 -0.84 1.31
N THR A 30 -7.42 -2.02 0.74
CA THR A 30 -6.26 -2.82 0.36
C THR A 30 -6.06 -2.75 -1.15
N GLN A 31 -4.81 -2.77 -1.58
CA GLN A 31 -4.49 -2.67 -3.01
C GLN A 31 -3.35 -3.62 -3.34
N TRP A 32 -3.45 -4.26 -4.49
CA TRP A 32 -2.45 -5.23 -4.92
C TRP A 32 -1.28 -4.50 -5.57
N LYS A 33 -1.55 -3.28 -6.02
CA LYS A 33 -0.56 -2.46 -6.67
C LYS A 33 -0.21 -1.27 -5.80
N ARG A 34 0.62 -0.38 -6.31
CA ARG A 34 1.04 0.79 -5.56
C ARG A 34 0.04 1.92 -5.71
N PRO A 35 -0.32 2.55 -4.60
CA PRO A 35 -1.24 3.69 -4.61
C PRO A 35 -0.63 4.90 -5.30
N SER A 36 -1.33 5.43 -6.29
CA SER A 36 -0.92 6.67 -6.93
C SER A 36 -0.88 7.79 -5.90
N PRO A 37 -0.01 8.80 -6.10
CA PRO A 37 0.18 9.88 -5.13
C PRO A 37 -0.98 10.88 -5.13
N GLU A 38 -2.11 10.48 -5.69
CA GLU A 38 -3.29 11.31 -5.70
C GLU A 38 -4.09 11.11 -4.41
N ASP A 39 -3.57 11.70 -3.36
CA ASP A 39 -4.21 11.66 -2.05
C ASP A 39 -4.18 13.05 -1.43
N GLY A 1 9.65 -3.19 2.44
CA GLY A 1 10.26 -2.91 1.13
C GLY A 1 9.75 -1.64 0.52
N SER A 2 9.66 -1.61 -0.81
CA SER A 2 9.19 -0.43 -1.55
C SER A 2 10.11 0.77 -1.37
N PRO A 3 10.98 1.03 -2.37
CA PRO A 3 11.94 2.14 -2.35
C PRO A 3 11.28 3.50 -2.59
N SER A 4 9.97 3.50 -2.77
CA SER A 4 9.22 4.73 -3.01
C SER A 4 8.32 5.04 -1.84
N PRO A 5 8.29 6.30 -1.38
CA PRO A 5 7.42 6.72 -0.27
C PRO A 5 5.95 6.53 -0.61
N LEU A 6 5.27 5.73 0.21
CA LEU A 6 3.85 5.47 0.03
C LEU A 6 3.02 6.65 0.57
N PRO A 7 1.78 6.80 0.09
CA PRO A 7 0.85 7.85 0.56
C PRO A 7 0.51 7.69 2.04
N PRO A 8 0.05 8.76 2.69
CA PRO A 8 -0.30 8.76 4.11
C PRO A 8 -1.35 7.70 4.46
N GLY A 9 -1.00 6.82 5.39
CA GLY A 9 -1.92 5.77 5.78
C GLY A 9 -1.70 4.49 4.99
N TRP A 10 -0.97 4.60 3.89
CA TRP A 10 -0.71 3.45 3.05
C TRP A 10 0.49 2.67 3.57
N GLU A 11 0.22 1.50 4.12
CA GLU A 11 1.28 0.67 4.66
C GLU A 11 1.46 -0.59 3.83
N GLU A 12 2.72 -0.94 3.61
CA GLU A 12 3.07 -2.14 2.85
C GLU A 12 2.92 -3.37 3.73
N ARG A 13 2.29 -4.39 3.18
CA ARG A 13 2.03 -5.62 3.92
C ARG A 13 2.13 -6.81 2.98
N GLN A 14 2.75 -7.91 3.42
CA GLN A 14 2.96 -9.04 2.53
C GLN A 14 1.89 -10.10 2.71
N ASP A 15 1.46 -10.67 1.59
CA ASP A 15 0.52 -11.79 1.61
C ASP A 15 1.29 -13.07 1.82
N VAL A 16 0.58 -14.15 2.09
CA VAL A 16 1.19 -15.44 2.33
C VAL A 16 1.72 -16.04 1.03
N LEU A 17 1.16 -15.63 -0.10
CA LEU A 17 1.62 -16.13 -1.39
C LEU A 17 2.85 -15.39 -1.88
N GLY A 18 3.02 -14.13 -1.49
CA GLY A 18 4.17 -13.39 -1.94
C GLY A 18 3.76 -12.12 -2.64
N ARG A 19 2.49 -12.06 -3.01
CA ARG A 19 1.86 -10.83 -3.42
C ARG A 19 2.00 -9.82 -2.29
N THR A 20 2.79 -8.78 -2.47
CA THR A 20 2.90 -7.79 -1.42
C THR A 20 1.76 -6.79 -1.55
N TYR A 21 0.77 -6.90 -0.67
CA TYR A 21 -0.39 -5.99 -0.71
C TYR A 21 -0.13 -4.72 0.07
N TYR A 22 -1.08 -3.80 0.02
CA TYR A 22 -1.02 -2.60 0.84
C TYR A 22 -2.39 -2.32 1.41
N VAL A 23 -2.42 -1.68 2.57
CA VAL A 23 -3.66 -1.31 3.18
C VAL A 23 -3.64 0.16 3.61
N ASN A 24 -4.67 0.89 3.19
CA ASN A 24 -4.84 2.27 3.62
C ASN A 24 -5.44 2.28 5.02
N HIS A 25 -4.64 2.70 5.99
CA HIS A 25 -5.01 2.63 7.40
C HIS A 25 -6.17 3.57 7.74
N GLU A 26 -6.53 4.46 6.84
CA GLU A 26 -7.63 5.39 7.08
C GLU A 26 -8.95 4.76 6.67
N SER A 27 -9.07 4.37 5.42
CA SER A 27 -10.30 3.79 4.91
C SER A 27 -10.23 2.26 4.97
N ARG A 28 -9.19 1.76 5.64
CA ARG A 28 -8.92 0.31 5.78
C ARG A 28 -9.15 -0.45 4.46
N THR A 29 -8.73 0.16 3.36
CA THR A 29 -8.89 -0.42 2.04
C THR A 29 -7.61 -1.15 1.60
N THR A 30 -7.76 -2.42 1.24
CA THR A 30 -6.64 -3.21 0.73
C THR A 30 -6.67 -3.21 -0.80
N GLN A 31 -5.55 -2.83 -1.42
CA GLN A 31 -5.50 -2.69 -2.86
C GLN A 31 -4.21 -3.26 -3.43
N TRP A 32 -4.29 -3.88 -4.61
CA TRP A 32 -3.11 -4.40 -5.26
C TRP A 32 -2.78 -3.67 -6.55
N LYS A 33 -2.58 -2.38 -6.39
CA LYS A 33 -2.02 -1.52 -7.41
C LYS A 33 -1.17 -0.48 -6.72
N ARG A 34 0.07 -0.32 -7.16
CA ARG A 34 1.00 0.62 -6.54
C ARG A 34 0.36 2.01 -6.47
N PRO A 35 0.01 2.47 -5.25
CA PRO A 35 -0.70 3.73 -5.06
C PRO A 35 0.14 4.94 -5.42
N SER A 36 -0.40 5.79 -6.26
CA SER A 36 0.23 7.07 -6.55
C SER A 36 0.22 7.92 -5.27
N PRO A 37 1.11 8.93 -5.18
CA PRO A 37 1.28 9.71 -3.96
C PRO A 37 0.19 10.76 -3.79
N GLU A 38 -0.94 10.50 -4.42
CA GLU A 38 -2.06 11.43 -4.42
C GLU A 38 -3.19 10.90 -3.55
N ASP A 39 -2.99 11.02 -2.25
CA ASP A 39 -3.98 10.60 -1.28
C ASP A 39 -3.84 11.44 -0.03
N GLY A 1 16.09 6.50 -3.67
CA GLY A 1 16.10 5.04 -3.42
C GLY A 1 14.81 4.39 -3.89
N SER A 2 14.64 3.12 -3.54
CA SER A 2 13.45 2.37 -3.94
C SER A 2 12.17 2.90 -3.27
N PRO A 3 12.17 3.12 -1.93
CA PRO A 3 10.98 3.60 -1.21
C PRO A 3 10.41 4.90 -1.79
N SER A 4 9.32 4.77 -2.54
CA SER A 4 8.67 5.92 -3.14
C SER A 4 7.66 6.53 -2.15
N PRO A 5 7.33 7.82 -2.30
CA PRO A 5 6.36 8.49 -1.43
C PRO A 5 5.01 7.79 -1.41
N LEU A 6 4.70 7.14 -0.30
CA LEU A 6 3.42 6.48 -0.14
C LEU A 6 2.46 7.39 0.60
N PRO A 7 1.22 7.53 0.09
CA PRO A 7 0.20 8.39 0.68
C PRO A 7 -0.07 8.03 2.14
N PRO A 8 -0.42 9.02 2.98
CA PRO A 8 -0.56 8.85 4.43
C PRO A 8 -1.43 7.67 4.82
N GLY A 9 -0.81 6.67 5.42
CA GLY A 9 -1.54 5.53 5.92
C GLY A 9 -1.44 4.32 5.02
N TRP A 10 -0.75 4.47 3.90
CA TRP A 10 -0.53 3.33 3.00
C TRP A 10 0.73 2.57 3.41
N GLU A 11 0.53 1.34 3.87
CA GLU A 11 1.67 0.49 4.24
C GLU A 11 1.78 -0.69 3.28
N GLU A 12 3.02 -1.05 2.94
CA GLU A 12 3.28 -2.16 2.03
C GLU A 12 3.39 -3.46 2.82
N ARG A 13 2.42 -4.34 2.60
CA ARG A 13 2.34 -5.60 3.31
C ARG A 13 2.47 -6.77 2.36
N GLN A 14 2.63 -7.96 2.90
CA GLN A 14 2.74 -9.14 2.07
C GLN A 14 1.66 -10.14 2.42
N ASP A 15 0.83 -10.48 1.45
CA ASP A 15 -0.18 -11.50 1.67
C ASP A 15 0.49 -12.86 1.66
N VAL A 16 -0.21 -13.88 2.11
CA VAL A 16 0.33 -15.21 2.09
C VAL A 16 0.49 -15.71 0.65
N LEU A 17 -0.20 -15.04 -0.28
CA LEU A 17 -0.06 -15.32 -1.70
C LEU A 17 1.29 -14.84 -2.21
N GLY A 18 1.91 -13.91 -1.49
CA GLY A 18 3.23 -13.44 -1.85
C GLY A 18 3.17 -12.12 -2.56
N ARG A 19 1.98 -11.78 -3.06
CA ARG A 19 1.76 -10.46 -3.63
C ARG A 19 1.80 -9.43 -2.51
N THR A 20 2.55 -8.37 -2.72
CA THR A 20 2.55 -7.29 -1.76
C THR A 20 1.23 -6.56 -1.81
N TYR A 21 0.41 -6.77 -0.80
CA TYR A 21 -0.85 -6.04 -0.70
C TYR A 21 -0.69 -4.90 0.29
N TYR A 22 -1.09 -3.72 -0.13
CA TYR A 22 -0.99 -2.57 0.73
C TYR A 22 -2.29 -2.39 1.48
N VAL A 23 -2.26 -1.59 2.52
CA VAL A 23 -3.48 -1.25 3.22
C VAL A 23 -3.40 0.18 3.74
N ASN A 24 -4.45 0.94 3.45
CA ASN A 24 -4.61 2.28 4.00
C ASN A 24 -5.32 2.18 5.35
N HIS A 25 -4.92 2.99 6.31
CA HIS A 25 -5.47 2.87 7.66
C HIS A 25 -6.85 3.50 7.78
N GLU A 26 -7.00 4.73 7.32
CA GLU A 26 -8.27 5.42 7.46
C GLU A 26 -9.34 4.76 6.60
N SER A 27 -9.07 4.69 5.31
CA SER A 27 -10.01 4.14 4.36
C SER A 27 -10.06 2.62 4.45
N ARG A 28 -9.09 2.04 5.16
CA ARG A 28 -9.00 0.58 5.38
C ARG A 28 -8.93 -0.16 4.04
N THR A 29 -8.45 0.54 3.01
CA THR A 29 -8.48 0.00 1.66
C THR A 29 -7.23 -0.83 1.37
N THR A 30 -7.45 -2.11 1.08
CA THR A 30 -6.37 -3.00 0.70
C THR A 30 -6.27 -3.08 -0.82
N GLN A 31 -5.06 -3.17 -1.32
CA GLN A 31 -4.85 -3.22 -2.77
C GLN A 31 -3.53 -3.90 -3.09
N TRP A 32 -3.55 -4.80 -4.07
CA TRP A 32 -2.34 -5.49 -4.50
C TRP A 32 -1.42 -4.53 -5.25
N LYS A 33 -2.02 -3.56 -5.91
CA LYS A 33 -1.28 -2.57 -6.65
C LYS A 33 -0.84 -1.44 -5.73
N ARG A 34 0.33 -0.88 -5.99
CA ARG A 34 0.83 0.24 -5.21
C ARG A 34 -0.06 1.47 -5.43
N PRO A 35 -0.19 2.33 -4.41
CA PRO A 35 -0.94 3.58 -4.50
C PRO A 35 -0.36 4.52 -5.54
N SER A 36 -1.22 5.29 -6.18
CA SER A 36 -0.79 6.24 -7.20
C SER A 36 -0.11 7.43 -6.54
N PRO A 37 0.77 8.14 -7.28
CA PRO A 37 1.57 9.23 -6.74
C PRO A 37 0.77 10.51 -6.53
N GLU A 38 -0.54 10.37 -6.30
CA GLU A 38 -1.35 11.50 -5.95
C GLU A 38 -1.29 11.73 -4.45
N ASP A 39 -0.14 12.26 -4.04
CA ASP A 39 0.18 12.50 -2.65
C ASP A 39 1.16 13.66 -2.56
N GLY A 1 11.90 -1.49 -0.39
CA GLY A 1 11.75 -0.02 -0.48
C GLY A 1 11.31 0.41 -1.86
N SER A 2 10.01 0.59 -2.03
CA SER A 2 9.47 1.05 -3.30
C SER A 2 9.86 2.51 -3.55
N PRO A 3 10.29 2.82 -4.79
CA PRO A 3 10.81 4.15 -5.17
C PRO A 3 9.71 5.20 -5.33
N SER A 4 8.78 5.24 -4.39
CA SER A 4 7.69 6.22 -4.40
C SER A 4 7.21 6.46 -2.98
N PRO A 5 7.27 7.73 -2.52
CA PRO A 5 6.76 8.11 -1.20
C PRO A 5 5.26 7.84 -1.08
N LEU A 6 4.91 6.98 -0.14
CA LEU A 6 3.55 6.51 0.00
C LEU A 6 2.64 7.55 0.64
N PRO A 7 1.40 7.66 0.11
CA PRO A 7 0.35 8.49 0.70
C PRO A 7 0.07 8.12 2.16
N PRO A 8 -0.51 9.06 2.94
CA PRO A 8 -0.76 8.87 4.36
C PRO A 8 -1.67 7.68 4.66
N GLY A 9 -1.16 6.76 5.46
CA GLY A 9 -1.96 5.63 5.88
C GLY A 9 -1.68 4.38 5.07
N TRP A 10 -0.94 4.52 3.98
CA TRP A 10 -0.65 3.39 3.11
C TRP A 10 0.59 2.64 3.57
N GLU A 11 0.42 1.40 3.98
CA GLU A 11 1.56 0.57 4.37
C GLU A 11 1.76 -0.58 3.40
N GLU A 12 3.03 -0.88 3.13
CA GLU A 12 3.41 -1.96 2.24
C GLU A 12 3.43 -3.28 2.99
N ARG A 13 2.54 -4.19 2.61
CA ARG A 13 2.36 -5.43 3.35
C ARG A 13 2.51 -6.64 2.43
N GLN A 14 2.73 -7.80 3.02
CA GLN A 14 2.79 -9.04 2.27
C GLN A 14 1.58 -9.90 2.59
N ASP A 15 0.90 -10.35 1.56
CA ASP A 15 -0.20 -11.28 1.74
C ASP A 15 0.36 -12.69 1.79
N VAL A 16 -0.38 -13.59 2.41
CA VAL A 16 0.00 -14.99 2.49
C VAL A 16 0.15 -15.58 1.09
N LEU A 17 -0.65 -15.07 0.16
CA LEU A 17 -0.59 -15.51 -1.23
C LEU A 17 0.73 -15.11 -1.89
N GLY A 18 1.40 -14.09 -1.34
CA GLY A 18 2.70 -13.73 -1.85
C GLY A 18 2.64 -12.40 -2.56
N ARG A 19 1.42 -11.99 -2.88
CA ARG A 19 1.18 -10.69 -3.46
C ARG A 19 1.51 -9.63 -2.43
N THR A 20 2.29 -8.66 -2.80
CA THR A 20 2.53 -7.56 -1.91
C THR A 20 1.33 -6.63 -1.96
N TYR A 21 0.52 -6.69 -0.92
CA TYR A 21 -0.67 -5.85 -0.86
C TYR A 21 -0.45 -4.70 0.10
N TYR A 22 -0.96 -3.53 -0.24
CA TYR A 22 -0.90 -2.41 0.67
C TYR A 22 -2.24 -2.27 1.37
N VAL A 23 -2.23 -1.61 2.50
CA VAL A 23 -3.48 -1.32 3.20
C VAL A 23 -3.45 0.10 3.74
N ASN A 24 -4.48 0.86 3.41
CA ASN A 24 -4.64 2.21 3.91
C ASN A 24 -5.29 2.18 5.28
N HIS A 25 -4.65 2.78 6.27
CA HIS A 25 -5.16 2.76 7.64
C HIS A 25 -6.48 3.51 7.79
N GLU A 26 -6.64 4.60 7.05
CA GLU A 26 -7.79 5.48 7.20
C GLU A 26 -9.07 4.84 6.64
N SER A 27 -9.06 4.50 5.36
CA SER A 27 -10.25 3.94 4.72
C SER A 27 -10.17 2.42 4.73
N ARG A 28 -9.13 1.91 5.39
CA ARG A 28 -8.84 0.47 5.50
C ARG A 28 -9.13 -0.27 4.19
N THR A 29 -8.52 0.20 3.13
CA THR A 29 -8.68 -0.38 1.82
C THR A 29 -7.38 -1.07 1.39
N THR A 30 -7.53 -2.29 0.88
CA THR A 30 -6.40 -3.09 0.44
C THR A 30 -6.18 -2.95 -1.06
N GLN A 31 -4.93 -3.03 -1.49
CA GLN A 31 -4.58 -2.88 -2.89
C GLN A 31 -3.46 -3.85 -3.24
N TRP A 32 -3.63 -4.58 -4.34
CA TRP A 32 -2.59 -5.51 -4.81
C TRP A 32 -1.59 -4.75 -5.66
N LYS A 33 -1.93 -3.51 -5.95
CA LYS A 33 -1.05 -2.61 -6.67
C LYS A 33 -0.42 -1.62 -5.71
N ARG A 34 0.48 -0.81 -6.19
CA ARG A 34 1.04 0.27 -5.38
C ARG A 34 0.17 1.50 -5.51
N PRO A 35 -0.09 2.20 -4.40
CA PRO A 35 -0.92 3.41 -4.41
C PRO A 35 -0.40 4.44 -5.40
N SER A 36 -1.28 4.89 -6.27
CA SER A 36 -0.95 5.97 -7.18
C SER A 36 -0.65 7.23 -6.38
N PRO A 37 0.01 8.23 -6.96
CA PRO A 37 0.39 9.46 -6.25
C PRO A 37 -0.82 10.36 -5.96
N GLU A 38 -1.92 9.75 -5.52
CA GLU A 38 -3.05 10.51 -5.02
C GLU A 38 -2.72 10.94 -3.61
N ASP A 39 -1.85 11.92 -3.52
CA ASP A 39 -1.23 12.30 -2.26
C ASP A 39 -0.69 13.71 -2.35
N GLY A 1 13.58 10.16 -9.41
CA GLY A 1 12.24 10.80 -9.44
C GLY A 1 11.18 9.85 -9.92
N SER A 2 10.14 9.67 -9.10
CA SER A 2 9.06 8.75 -9.41
C SER A 2 8.02 8.78 -8.30
N PRO A 3 6.80 8.26 -8.56
CA PRO A 3 5.75 8.15 -7.54
C PRO A 3 6.07 7.09 -6.47
N SER A 4 7.22 7.27 -5.84
CA SER A 4 7.68 6.36 -4.79
C SER A 4 6.98 6.65 -3.46
N PRO A 5 6.84 7.94 -3.04
CA PRO A 5 6.07 8.28 -1.83
C PRO A 5 4.61 7.88 -1.95
N LEU A 6 4.22 6.88 -1.16
CA LEU A 6 2.84 6.41 -1.15
C LEU A 6 1.94 7.34 -0.33
N PRO A 7 0.62 7.24 -0.51
CA PRO A 7 -0.35 8.07 0.20
C PRO A 7 -0.34 7.78 1.69
N PRO A 8 -0.47 8.83 2.52
CA PRO A 8 -0.45 8.70 3.98
C PRO A 8 -1.45 7.69 4.50
N GLY A 9 -0.97 6.77 5.33
CA GLY A 9 -1.82 5.75 5.89
C GLY A 9 -1.67 4.43 5.18
N TRP A 10 -1.05 4.45 4.00
CA TRP A 10 -0.82 3.23 3.25
C TRP A 10 0.44 2.51 3.74
N GLU A 11 0.29 1.26 4.14
CA GLU A 11 1.43 0.45 4.51
C GLU A 11 1.70 -0.62 3.46
N GLU A 12 2.96 -0.95 3.27
CA GLU A 12 3.34 -2.05 2.39
C GLU A 12 3.24 -3.35 3.17
N ARG A 13 2.23 -4.14 2.84
CA ARG A 13 1.89 -5.32 3.61
C ARG A 13 1.93 -6.56 2.73
N GLN A 14 2.36 -7.67 3.28
CA GLN A 14 2.43 -8.91 2.50
C GLN A 14 1.21 -9.77 2.76
N ASP A 15 0.68 -10.36 1.70
CA ASP A 15 -0.46 -11.25 1.82
C ASP A 15 0.01 -12.68 2.03
N VAL A 16 -0.92 -13.54 2.39
CA VAL A 16 -0.62 -14.93 2.61
C VAL A 16 -0.29 -15.63 1.28
N LEU A 17 -0.85 -15.11 0.20
CA LEU A 17 -0.60 -15.65 -1.13
C LEU A 17 0.73 -15.19 -1.68
N GLY A 18 1.28 -14.11 -1.13
CA GLY A 18 2.62 -13.71 -1.51
C GLY A 18 2.61 -12.43 -2.30
N ARG A 19 1.42 -11.99 -2.67
CA ARG A 19 1.26 -10.70 -3.29
C ARG A 19 1.48 -9.61 -2.26
N THR A 20 2.56 -8.87 -2.38
CA THR A 20 2.75 -7.74 -1.50
C THR A 20 1.72 -6.68 -1.86
N TYR A 21 0.70 -6.54 -1.04
CA TYR A 21 -0.29 -5.50 -1.23
C TYR A 21 -0.03 -4.32 -0.32
N TYR A 22 -0.97 -3.38 -0.30
CA TYR A 22 -0.92 -2.27 0.63
C TYR A 22 -2.28 -2.12 1.28
N VAL A 23 -2.29 -1.64 2.51
CA VAL A 23 -3.54 -1.36 3.18
C VAL A 23 -3.48 0.02 3.83
N ASN A 24 -4.46 0.85 3.51
CA ASN A 24 -4.57 2.16 4.12
C ASN A 24 -5.20 2.04 5.49
N HIS A 25 -4.59 2.62 6.51
CA HIS A 25 -5.07 2.45 7.88
C HIS A 25 -6.28 3.32 8.19
N GLU A 26 -6.56 4.31 7.35
CA GLU A 26 -7.68 5.20 7.60
C GLU A 26 -8.97 4.63 7.02
N SER A 27 -8.94 4.31 5.72
CA SER A 27 -10.12 3.80 5.04
C SER A 27 -10.09 2.26 5.00
N ARG A 28 -8.99 1.68 5.47
CA ARG A 28 -8.83 0.22 5.54
C ARG A 28 -8.91 -0.43 4.17
N THR A 29 -8.47 0.32 3.15
CA THR A 29 -8.54 -0.14 1.78
C THR A 29 -7.30 -0.93 1.39
N THR A 30 -7.52 -2.11 0.81
CA THR A 30 -6.43 -2.97 0.37
C THR A 30 -6.31 -2.96 -1.15
N GLN A 31 -5.11 -2.75 -1.65
CA GLN A 31 -4.87 -2.71 -3.09
C GLN A 31 -3.60 -3.49 -3.43
N TRP A 32 -3.64 -4.26 -4.51
CA TRP A 32 -2.48 -5.04 -4.94
C TRP A 32 -1.48 -4.15 -5.69
N LYS A 33 -1.97 -3.06 -6.27
CA LYS A 33 -1.10 -2.14 -7.01
C LYS A 33 -0.28 -1.28 -6.07
N ARG A 34 0.67 -0.56 -6.65
CA ARG A 34 1.47 0.40 -5.90
C ARG A 34 0.77 1.76 -5.93
N PRO A 35 0.15 2.16 -4.80
CA PRO A 35 -0.61 3.42 -4.73
C PRO A 35 0.26 4.64 -4.97
N SER A 36 -0.08 5.39 -6.01
CA SER A 36 0.51 6.70 -6.24
C SER A 36 -0.14 7.69 -5.26
N PRO A 37 0.37 8.92 -5.13
CA PRO A 37 -0.16 9.90 -4.17
C PRO A 37 -1.53 10.45 -4.58
N GLU A 38 -2.26 9.66 -5.37
CA GLU A 38 -3.60 10.01 -5.77
C GLU A 38 -4.57 9.61 -4.66
N ASP A 39 -4.59 10.41 -3.61
CA ASP A 39 -5.44 10.18 -2.46
C ASP A 39 -5.85 11.51 -1.85
N GLY A 1 12.33 5.23 -14.22
CA GLY A 1 12.35 4.66 -12.85
C GLY A 1 12.27 5.74 -11.80
N SER A 2 11.96 5.35 -10.57
CA SER A 2 11.83 6.29 -9.47
C SER A 2 11.46 5.52 -8.20
N PRO A 3 12.31 5.59 -7.17
CA PRO A 3 11.97 5.05 -5.84
C PRO A 3 10.70 5.67 -5.31
N SER A 4 9.63 4.90 -5.31
CA SER A 4 8.31 5.42 -5.00
C SER A 4 7.98 5.35 -3.51
N PRO A 5 7.82 6.51 -2.88
CA PRO A 5 7.25 6.60 -1.54
C PRO A 5 5.75 6.34 -1.60
N LEU A 6 5.12 6.19 -0.46
CA LEU A 6 3.69 5.92 -0.45
C LEU A 6 2.91 7.01 0.27
N PRO A 7 1.63 7.17 -0.10
CA PRO A 7 0.74 8.18 0.47
C PRO A 7 0.51 7.98 1.98
N PRO A 8 0.05 9.04 2.68
CA PRO A 8 -0.13 9.02 4.14
C PRO A 8 -1.17 8.00 4.58
N GLY A 9 -0.72 7.02 5.35
CA GLY A 9 -1.63 6.03 5.87
C GLY A 9 -1.56 4.74 5.09
N TRP A 10 -0.80 4.72 4.00
CA TRP A 10 -0.66 3.50 3.22
C TRP A 10 0.38 2.58 3.83
N GLU A 11 -0.05 1.36 4.03
CA GLU A 11 0.74 0.35 4.70
C GLU A 11 1.26 -0.68 3.69
N GLU A 12 2.57 -0.83 3.61
CA GLU A 12 3.16 -1.79 2.68
C GLU A 12 3.28 -3.16 3.34
N ARG A 13 2.44 -4.10 2.92
CA ARG A 13 2.47 -5.45 3.45
C ARG A 13 2.60 -6.48 2.33
N GLN A 14 2.88 -7.72 2.69
CA GLN A 14 2.96 -8.79 1.71
C GLN A 14 2.11 -9.98 2.17
N ASP A 15 1.40 -10.57 1.22
CA ASP A 15 0.51 -11.68 1.52
C ASP A 15 1.25 -12.99 1.35
N VAL A 16 0.66 -14.08 1.85
CA VAL A 16 1.22 -15.40 1.64
C VAL A 16 1.16 -15.78 0.17
N LEU A 17 0.28 -15.10 -0.56
CA LEU A 17 0.19 -15.25 -2.01
C LEU A 17 1.47 -14.74 -2.67
N GLY A 18 2.11 -13.76 -2.03
CA GLY A 18 3.33 -13.21 -2.58
C GLY A 18 3.08 -11.87 -3.19
N ARG A 19 1.81 -11.54 -3.33
CA ARG A 19 1.43 -10.21 -3.77
C ARG A 19 1.67 -9.25 -2.63
N THR A 20 2.28 -8.12 -2.89
CA THR A 20 2.39 -7.12 -1.84
C THR A 20 1.04 -6.45 -1.67
N TYR A 21 0.36 -6.78 -0.58
CA TYR A 21 -0.93 -6.18 -0.32
C TYR A 21 -0.76 -5.02 0.63
N TYR A 22 -1.27 -3.87 0.26
CA TYR A 22 -1.14 -2.70 1.11
C TYR A 22 -2.50 -2.32 1.64
N VAL A 23 -2.53 -1.78 2.85
CA VAL A 23 -3.78 -1.37 3.46
C VAL A 23 -3.73 0.11 3.86
N ASN A 24 -4.63 0.88 3.31
CA ASN A 24 -4.78 2.28 3.68
C ASN A 24 -5.41 2.36 5.07
N HIS A 25 -4.68 2.89 6.04
CA HIS A 25 -5.12 2.88 7.43
C HIS A 25 -6.36 3.75 7.67
N GLU A 26 -6.72 4.59 6.71
CA GLU A 26 -7.87 5.47 6.87
C GLU A 26 -9.17 4.74 6.55
N SER A 27 -9.28 4.23 5.33
CA SER A 27 -10.51 3.55 4.90
C SER A 27 -10.36 2.04 4.99
N ARG A 28 -9.15 1.59 5.32
CA ARG A 28 -8.82 0.17 5.47
C ARG A 28 -8.91 -0.56 4.13
N THR A 29 -8.68 0.18 3.05
CA THR A 29 -8.68 -0.38 1.71
C THR A 29 -7.40 -1.18 1.46
N THR A 30 -7.54 -2.48 1.24
CA THR A 30 -6.43 -3.33 0.83
C THR A 30 -6.34 -3.41 -0.68
N GLN A 31 -5.19 -3.04 -1.22
CA GLN A 31 -4.99 -2.99 -2.66
C GLN A 31 -3.72 -3.72 -3.06
N TRP A 32 -3.78 -4.47 -4.16
CA TRP A 32 -2.61 -5.17 -4.67
C TRP A 32 -1.76 -4.22 -5.51
N LYS A 33 -2.40 -3.18 -6.02
CA LYS A 33 -1.74 -2.20 -6.86
C LYS A 33 -0.95 -1.20 -6.01
N ARG A 34 0.31 -0.98 -6.39
CA ARG A 34 1.15 0.02 -5.76
C ARG A 34 0.49 1.39 -5.85
N PRO A 35 0.28 2.06 -4.71
CA PRO A 35 -0.26 3.42 -4.70
C PRO A 35 0.75 4.43 -5.22
N SER A 36 0.37 5.12 -6.28
CA SER A 36 1.18 6.22 -6.77
C SER A 36 1.31 7.27 -5.68
N PRO A 37 2.44 7.99 -5.60
CA PRO A 37 2.70 8.96 -4.54
C PRO A 37 1.89 10.24 -4.71
N GLU A 38 0.79 10.15 -5.43
CA GLU A 38 -0.08 11.29 -5.65
C GLU A 38 -1.05 11.42 -4.47
N ASP A 39 -0.53 11.86 -3.36
CA ASP A 39 -1.30 12.01 -2.13
C ASP A 39 -0.41 12.49 -1.00
N GLY A 1 10.99 -0.93 3.08
CA GLY A 1 11.87 0.14 2.56
C GLY A 1 12.09 1.23 3.59
N SER A 2 12.90 2.21 3.25
CA SER A 2 13.17 3.32 4.15
C SER A 2 12.67 4.65 3.57
N PRO A 3 13.14 5.08 2.39
CA PRO A 3 12.72 6.33 1.78
C PRO A 3 11.51 6.16 0.85
N SER A 4 10.77 5.08 1.08
CA SER A 4 9.62 4.74 0.26
C SER A 4 8.58 5.87 0.23
N PRO A 5 8.26 6.39 -0.96
CA PRO A 5 7.29 7.47 -1.12
C PRO A 5 5.87 6.94 -1.26
N LEU A 6 5.19 6.76 -0.14
CA LEU A 6 3.82 6.28 -0.13
C LEU A 6 2.89 7.35 0.44
N PRO A 7 1.61 7.32 0.03
CA PRO A 7 0.60 8.23 0.55
C PRO A 7 0.37 8.01 2.05
N PRO A 8 -0.08 9.06 2.77
CA PRO A 8 -0.35 8.98 4.20
C PRO A 8 -1.39 7.92 4.52
N GLY A 9 -1.00 6.95 5.35
CA GLY A 9 -1.92 5.91 5.75
C GLY A 9 -1.71 4.62 4.98
N TRP A 10 -0.99 4.69 3.87
CA TRP A 10 -0.68 3.51 3.06
C TRP A 10 0.59 2.83 3.55
N GLU A 11 0.50 1.54 3.83
CA GLU A 11 1.68 0.78 4.23
C GLU A 11 1.87 -0.47 3.38
N GLU A 12 3.09 -0.98 3.36
CA GLU A 12 3.45 -2.17 2.59
C GLU A 12 3.22 -3.42 3.42
N ARG A 13 2.37 -4.30 2.95
CA ARG A 13 2.10 -5.57 3.62
C ARG A 13 2.17 -6.73 2.65
N GLN A 14 2.48 -7.93 3.14
CA GLN A 14 2.48 -9.11 2.29
C GLN A 14 1.32 -10.01 2.65
N ASP A 15 0.70 -10.60 1.65
CA ASP A 15 -0.32 -11.60 1.90
C ASP A 15 0.24 -12.97 1.57
N VAL A 16 -0.46 -14.00 1.95
CA VAL A 16 0.03 -15.36 1.76
C VAL A 16 -0.11 -15.79 0.30
N LEU A 17 -0.64 -14.89 -0.52
CA LEU A 17 -0.74 -15.13 -1.96
C LEU A 17 0.60 -14.81 -2.63
N GLY A 18 1.44 -14.04 -1.96
CA GLY A 18 2.78 -13.80 -2.46
C GLY A 18 2.93 -12.43 -3.03
N ARG A 19 1.80 -11.80 -3.32
CA ARG A 19 1.82 -10.41 -3.71
C ARG A 19 1.72 -9.54 -2.48
N THR A 20 2.36 -8.37 -2.52
CA THR A 20 2.30 -7.45 -1.41
C THR A 20 1.05 -6.60 -1.48
N TYR A 21 0.13 -6.84 -0.54
CA TYR A 21 -1.05 -6.01 -0.44
C TYR A 21 -0.74 -4.78 0.43
N TYR A 22 -1.02 -3.62 -0.09
CA TYR A 22 -0.87 -2.42 0.72
C TYR A 22 -2.18 -2.16 1.44
N VAL A 23 -2.11 -1.56 2.60
CA VAL A 23 -3.31 -1.26 3.36
C VAL A 23 -3.33 0.20 3.79
N ASN A 24 -4.43 0.88 3.46
CA ASN A 24 -4.65 2.23 3.94
C ASN A 24 -5.33 2.17 5.29
N HIS A 25 -4.76 2.86 6.26
CA HIS A 25 -5.25 2.80 7.65
C HIS A 25 -6.59 3.50 7.82
N GLU A 26 -6.89 4.50 7.01
CA GLU A 26 -8.10 5.29 7.21
C GLU A 26 -9.32 4.51 6.75
N SER A 27 -9.34 4.11 5.50
CA SER A 27 -10.48 3.45 4.91
C SER A 27 -10.35 1.92 5.02
N ARG A 28 -9.19 1.47 5.47
CA ARG A 28 -8.87 0.04 5.58
C ARG A 28 -8.91 -0.61 4.21
N THR A 29 -8.66 0.18 3.17
CA THR A 29 -8.64 -0.32 1.80
C THR A 29 -7.33 -1.05 1.52
N THR A 30 -7.44 -2.31 1.14
CA THR A 30 -6.29 -3.10 0.73
C THR A 30 -6.21 -3.17 -0.79
N GLN A 31 -5.01 -3.13 -1.33
CA GLN A 31 -4.83 -3.08 -2.78
C GLN A 31 -3.51 -3.73 -3.20
N TRP A 32 -3.54 -4.45 -4.31
CA TRP A 32 -2.33 -5.04 -4.89
C TRP A 32 -1.54 -3.97 -5.62
N LYS A 33 -2.26 -3.10 -6.31
CA LYS A 33 -1.68 -2.05 -7.12
C LYS A 33 -0.97 -1.03 -6.23
N ARG A 34 0.27 -0.72 -6.57
CA ARG A 34 0.99 0.32 -5.86
C ARG A 34 0.34 1.67 -6.13
N PRO A 35 0.17 2.49 -5.08
CA PRO A 35 -0.54 3.76 -5.17
C PRO A 35 0.32 4.86 -5.79
N SER A 36 -0.29 5.65 -6.66
CA SER A 36 0.38 6.80 -7.24
C SER A 36 0.49 7.91 -6.19
N PRO A 37 1.25 8.99 -6.47
CA PRO A 37 1.40 10.12 -5.55
C PRO A 37 0.15 11.00 -5.53
N GLU A 38 -0.89 10.56 -6.22
CA GLU A 38 -2.15 11.26 -6.21
C GLU A 38 -3.04 10.69 -5.11
N ASP A 39 -2.75 11.07 -3.88
CA ASP A 39 -3.51 10.62 -2.72
C ASP A 39 -4.64 11.60 -2.40
N GLY A 1 19.06 8.75 -5.59
CA GLY A 1 18.85 8.41 -7.01
C GLY A 1 17.45 7.92 -7.30
N SER A 2 16.55 8.87 -7.56
CA SER A 2 15.16 8.58 -7.93
C SER A 2 14.46 7.71 -6.88
N PRO A 3 13.88 8.34 -5.84
CA PRO A 3 13.15 7.62 -4.79
C PRO A 3 11.69 7.37 -5.19
N SER A 4 11.00 6.56 -4.41
CA SER A 4 9.61 6.27 -4.67
C SER A 4 8.81 6.21 -3.36
N PRO A 5 7.93 7.19 -3.15
CA PRO A 5 7.12 7.32 -1.95
C PRO A 5 5.75 6.67 -2.11
N LEU A 6 4.98 6.66 -1.03
CA LEU A 6 3.62 6.15 -1.08
C LEU A 6 2.70 7.10 -0.31
N PRO A 7 1.39 7.06 -0.62
CA PRO A 7 0.40 7.88 0.08
C PRO A 7 0.46 7.70 1.59
N PRO A 8 0.48 8.80 2.35
CA PRO A 8 0.52 8.76 3.80
C PRO A 8 -0.66 7.98 4.38
N GLY A 9 -0.35 7.00 5.22
CA GLY A 9 -1.39 6.16 5.77
C GLY A 9 -1.47 4.82 5.08
N TRP A 10 -0.81 4.69 3.94
CA TRP A 10 -0.72 3.41 3.27
C TRP A 10 0.45 2.60 3.81
N GLU A 11 0.13 1.44 4.36
CA GLU A 11 1.14 0.59 4.98
C GLU A 11 1.46 -0.60 4.08
N GLU A 12 2.74 -0.95 4.04
CA GLU A 12 3.21 -2.09 3.28
C GLU A 12 2.91 -3.37 4.05
N ARG A 13 2.12 -4.24 3.48
CA ARG A 13 1.70 -5.45 4.17
C ARG A 13 1.93 -6.69 3.32
N GLN A 14 2.19 -7.80 3.96
CA GLN A 14 2.39 -9.05 3.24
C GLN A 14 1.13 -9.88 3.23
N ASP A 15 0.78 -10.37 2.06
CA ASP A 15 -0.32 -11.31 1.94
C ASP A 15 0.17 -12.70 2.28
N VAL A 16 -0.76 -13.55 2.67
CA VAL A 16 -0.45 -14.91 3.04
C VAL A 16 0.23 -15.66 1.89
N LEU A 17 -0.22 -15.42 0.68
CA LEU A 17 0.32 -16.10 -0.50
C LEU A 17 1.72 -15.60 -0.83
N GLY A 18 2.04 -14.35 -0.48
CA GLY A 18 3.40 -13.87 -0.64
C GLY A 18 3.44 -12.64 -1.49
N ARG A 19 2.27 -12.17 -1.87
CA ARG A 19 2.15 -10.92 -2.59
C ARG A 19 2.21 -9.78 -1.59
N THR A 20 3.21 -8.92 -1.71
CA THR A 20 3.25 -7.78 -0.84
C THR A 20 2.21 -6.76 -1.32
N TYR A 21 1.10 -6.70 -0.62
CA TYR A 21 0.06 -5.71 -0.92
C TYR A 21 0.18 -4.51 0.01
N TYR A 22 -0.72 -3.56 -0.14
CA TYR A 22 -0.76 -2.41 0.74
C TYR A 22 -2.18 -2.18 1.23
N VAL A 23 -2.31 -1.55 2.38
CA VAL A 23 -3.62 -1.21 2.91
C VAL A 23 -3.58 0.18 3.53
N ASN A 24 -4.64 0.95 3.34
CA ASN A 24 -4.74 2.27 3.94
C ASN A 24 -5.14 2.14 5.41
N HIS A 25 -4.66 3.05 6.24
CA HIS A 25 -4.90 2.97 7.68
C HIS A 25 -6.29 3.47 8.06
N GLU A 26 -6.71 4.56 7.43
CA GLU A 26 -8.01 5.16 7.73
C GLU A 26 -9.13 4.52 6.90
N SER A 27 -9.00 4.58 5.59
CA SER A 27 -10.00 4.05 4.68
C SER A 27 -9.91 2.53 4.63
N ARG A 28 -8.72 2.01 4.99
CA ARG A 28 -8.51 0.58 5.16
C ARG A 28 -8.78 -0.20 3.88
N THR A 29 -8.58 0.44 2.74
CA THR A 29 -8.71 -0.23 1.45
C THR A 29 -7.39 -0.90 1.09
N THR A 30 -7.48 -2.00 0.35
CA THR A 30 -6.31 -2.76 -0.04
C THR A 30 -6.09 -2.69 -1.55
N GLN A 31 -4.82 -2.68 -1.97
CA GLN A 31 -4.49 -2.64 -3.39
C GLN A 31 -3.20 -3.41 -3.67
N TRP A 32 -3.20 -4.16 -4.76
CA TRP A 32 -2.04 -4.96 -5.15
C TRP A 32 -1.07 -4.11 -5.98
N LYS A 33 -1.62 -3.16 -6.70
CA LYS A 33 -0.82 -2.25 -7.50
C LYS A 33 -0.33 -1.11 -6.62
N ARG A 34 0.87 -0.62 -6.89
CA ARG A 34 1.46 0.46 -6.10
C ARG A 34 0.56 1.70 -6.12
N PRO A 35 0.17 2.19 -4.93
CA PRO A 35 -0.76 3.31 -4.80
C PRO A 35 -0.10 4.66 -5.12
N SER A 36 -0.82 5.48 -5.85
CA SER A 36 -0.40 6.85 -6.09
C SER A 36 -0.82 7.71 -4.91
N PRO A 37 -0.14 8.84 -4.66
CA PRO A 37 -0.37 9.69 -3.48
C PRO A 37 -1.69 10.46 -3.57
N GLU A 38 -2.54 10.07 -4.51
CA GLU A 38 -3.88 10.61 -4.62
C GLU A 38 -4.78 9.89 -3.62
N ASP A 39 -4.63 10.26 -2.36
CA ASP A 39 -5.38 9.64 -1.28
C ASP A 39 -5.76 10.68 -0.24
N GLY A 1 13.45 11.23 -6.37
CA GLY A 1 13.47 10.27 -7.51
C GLY A 1 13.65 8.85 -7.03
N SER A 2 12.81 8.42 -6.08
CA SER A 2 12.93 7.09 -5.51
C SER A 2 11.55 6.46 -5.36
N PRO A 3 11.34 5.29 -5.98
CA PRO A 3 10.08 4.53 -5.86
C PRO A 3 9.94 3.90 -4.48
N SER A 4 9.68 4.73 -3.49
CA SER A 4 9.57 4.28 -2.11
C SER A 4 8.33 4.83 -1.41
N PRO A 5 8.08 6.17 -1.43
CA PRO A 5 6.95 6.78 -0.72
C PRO A 5 5.58 6.28 -1.21
N LEU A 6 4.59 6.38 -0.35
CA LEU A 6 3.21 6.03 -0.67
C LEU A 6 2.25 6.98 0.04
N PRO A 7 0.98 7.03 -0.40
CA PRO A 7 -0.05 7.86 0.22
C PRO A 7 -0.12 7.71 1.74
N PRO A 8 -0.37 8.82 2.46
CA PRO A 8 -0.53 8.83 3.92
C PRO A 8 -1.70 7.99 4.37
N GLY A 9 -1.44 7.06 5.28
CA GLY A 9 -2.48 6.18 5.76
C GLY A 9 -2.40 4.82 5.12
N TRP A 10 -1.54 4.71 4.11
CA TRP A 10 -1.27 3.43 3.47
C TRP A 10 -0.03 2.79 4.09
N GLU A 11 0.06 1.48 4.00
CA GLU A 11 1.23 0.78 4.49
C GLU A 11 1.54 -0.42 3.62
N GLU A 12 2.83 -0.73 3.52
CA GLU A 12 3.29 -1.88 2.78
C GLU A 12 3.20 -3.13 3.65
N ARG A 13 2.53 -4.14 3.14
CA ARG A 13 2.20 -5.32 3.92
C ARG A 13 2.51 -6.58 3.13
N GLN A 14 2.65 -7.70 3.82
CA GLN A 14 2.83 -8.97 3.15
C GLN A 14 1.75 -9.95 3.59
N ASP A 15 1.20 -10.67 2.65
CA ASP A 15 0.16 -11.64 2.95
C ASP A 15 0.71 -13.05 2.85
N VAL A 16 -0.16 -14.03 3.02
CA VAL A 16 0.22 -15.42 2.92
C VAL A 16 0.43 -15.82 1.47
N LEU A 17 -0.01 -14.97 0.55
CA LEU A 17 0.17 -15.24 -0.87
C LEU A 17 1.60 -14.94 -1.29
N GLY A 18 2.22 -13.95 -0.66
CA GLY A 18 3.60 -13.66 -0.94
C GLY A 18 3.71 -12.45 -1.83
N ARG A 19 2.57 -11.80 -2.04
CA ARG A 19 2.52 -10.57 -2.80
C ARG A 19 2.44 -9.42 -1.81
N THR A 20 3.32 -8.45 -1.95
CA THR A 20 3.32 -7.34 -1.03
C THR A 20 2.13 -6.43 -1.33
N TYR A 21 1.10 -6.52 -0.51
CA TYR A 21 -0.07 -5.69 -0.69
C TYR A 21 -0.03 -4.49 0.25
N TYR A 22 -0.92 -3.54 0.02
CA TYR A 22 -0.98 -2.35 0.87
C TYR A 22 -2.35 -2.27 1.52
N VAL A 23 -2.40 -1.71 2.71
CA VAL A 23 -3.67 -1.47 3.36
C VAL A 23 -3.74 -0.04 3.86
N ASN A 24 -4.87 0.60 3.58
CA ASN A 24 -5.15 1.92 4.08
C ASN A 24 -5.83 1.80 5.43
N HIS A 25 -5.25 2.38 6.46
CA HIS A 25 -5.78 2.22 7.82
C HIS A 25 -6.98 3.13 8.07
N GLU A 26 -7.24 4.06 7.18
CA GLU A 26 -8.36 4.97 7.35
C GLU A 26 -9.63 4.36 6.75
N SER A 27 -9.57 4.07 5.46
CA SER A 27 -10.69 3.46 4.77
C SER A 27 -10.71 1.95 5.02
N ARG A 28 -9.59 1.44 5.54
CA ARG A 28 -9.44 0.02 5.86
C ARG A 28 -9.61 -0.81 4.59
N THR A 29 -9.11 -0.25 3.49
CA THR A 29 -9.19 -0.89 2.19
C THR A 29 -7.82 -1.40 1.77
N THR A 30 -7.78 -2.60 1.19
CA THR A 30 -6.54 -3.20 0.74
C THR A 30 -6.41 -3.17 -0.77
N GLN A 31 -5.18 -3.04 -1.26
CA GLN A 31 -4.93 -3.03 -2.69
C GLN A 31 -3.59 -3.68 -3.00
N TRP A 32 -3.57 -4.49 -4.05
CA TRP A 32 -2.34 -5.15 -4.50
C TRP A 32 -1.65 -4.28 -5.55
N LYS A 33 -2.45 -3.50 -6.25
CA LYS A 33 -1.93 -2.49 -7.16
C LYS A 33 -1.38 -1.31 -6.37
N ARG A 34 -0.17 -0.86 -6.71
CA ARG A 34 0.48 0.19 -5.96
C ARG A 34 -0.22 1.54 -6.13
N PRO A 35 -0.57 2.19 -5.00
CA PRO A 35 -1.18 3.51 -5.01
C PRO A 35 -0.16 4.60 -5.22
N SER A 36 -0.50 5.56 -6.04
CA SER A 36 0.35 6.72 -6.24
C SER A 36 0.27 7.62 -5.01
N PRO A 37 1.36 8.34 -4.67
CA PRO A 37 1.42 9.19 -3.48
C PRO A 37 0.53 10.44 -3.63
N GLU A 38 -0.09 10.54 -4.79
CA GLU A 38 -1.03 11.61 -5.07
C GLU A 38 -2.34 11.41 -4.30
N ASP A 39 -2.28 11.73 -3.02
CA ASP A 39 -3.44 11.64 -2.14
C ASP A 39 -3.37 12.71 -1.07
N GLY A 1 15.49 3.72 -8.20
CA GLY A 1 14.81 3.69 -6.88
C GLY A 1 14.09 2.40 -6.61
N SER A 2 14.46 1.72 -5.53
CA SER A 2 13.75 0.52 -5.09
C SER A 2 12.60 0.89 -4.14
N PRO A 3 12.86 1.69 -3.07
CA PRO A 3 11.79 2.18 -2.19
C PRO A 3 10.77 3.02 -2.97
N SER A 4 9.49 2.76 -2.74
CA SER A 4 8.44 3.42 -3.51
C SER A 4 7.52 4.24 -2.60
N PRO A 5 7.47 5.56 -2.83
CA PRO A 5 6.62 6.48 -2.06
C PRO A 5 5.13 6.12 -2.15
N LEU A 6 4.41 6.39 -1.07
CA LEU A 6 2.99 6.11 -1.01
C LEU A 6 2.26 7.20 -0.20
N PRO A 7 0.93 7.30 -0.35
CA PRO A 7 0.11 8.28 0.36
C PRO A 7 0.07 8.02 1.87
N PRO A 8 -0.13 9.08 2.66
CA PRO A 8 -0.21 8.97 4.12
C PRO A 8 -1.38 8.11 4.55
N GLY A 9 -1.11 7.18 5.45
CA GLY A 9 -2.14 6.25 5.88
C GLY A 9 -1.99 4.89 5.21
N TRP A 10 -1.24 4.86 4.12
CA TRP A 10 -0.95 3.60 3.43
C TRP A 10 0.30 2.94 4.00
N GLU A 11 0.28 1.61 4.05
CA GLU A 11 1.45 0.86 4.47
C GLU A 11 1.62 -0.37 3.59
N GLU A 12 2.83 -0.88 3.54
CA GLU A 12 3.14 -2.07 2.76
C GLU A 12 2.93 -3.32 3.62
N ARG A 13 1.89 -4.06 3.27
CA ARG A 13 1.54 -5.30 3.96
C ARG A 13 2.06 -6.47 3.13
N GLN A 14 1.84 -7.69 3.58
CA GLN A 14 2.36 -8.85 2.88
C GLN A 14 1.22 -9.81 2.56
N ASP A 15 1.01 -10.06 1.27
CA ASP A 15 -0.05 -10.96 0.85
C ASP A 15 0.34 -12.39 1.12
N VAL A 16 -0.64 -13.23 1.42
CA VAL A 16 -0.41 -14.63 1.72
C VAL A 16 0.54 -15.30 0.71
N LEU A 17 0.38 -14.94 -0.56
CA LEU A 17 1.16 -15.55 -1.62
C LEU A 17 2.55 -14.93 -1.75
N GLY A 18 2.82 -13.88 -0.97
CA GLY A 18 4.15 -13.30 -0.97
C GLY A 18 4.23 -12.12 -1.90
N ARG A 19 3.08 -11.63 -2.29
CA ARG A 19 2.98 -10.41 -3.05
C ARG A 19 3.05 -9.24 -2.09
N THR A 20 3.58 -8.12 -2.52
CA THR A 20 3.54 -6.96 -1.67
C THR A 20 2.16 -6.37 -1.68
N TYR A 21 1.47 -6.62 -0.59
CA TYR A 21 0.12 -6.13 -0.38
C TYR A 21 0.19 -4.74 0.25
N TYR A 22 -0.92 -4.01 0.28
CA TYR A 22 -0.96 -2.72 0.96
C TYR A 22 -2.29 -2.54 1.65
N VAL A 23 -2.30 -1.68 2.66
CA VAL A 23 -3.52 -1.36 3.39
C VAL A 23 -3.53 0.09 3.85
N ASN A 24 -4.63 0.78 3.57
CA ASN A 24 -4.85 2.13 4.06
C ASN A 24 -5.54 2.07 5.40
N HIS A 25 -4.98 2.74 6.40
CA HIS A 25 -5.49 2.66 7.76
C HIS A 25 -6.69 3.58 7.97
N GLU A 26 -6.92 4.51 7.04
CA GLU A 26 -8.05 5.42 7.16
C GLU A 26 -9.33 4.74 6.71
N SER A 27 -9.33 4.30 5.47
CA SER A 27 -10.51 3.69 4.88
C SER A 27 -10.52 2.18 5.13
N ARG A 28 -9.45 1.69 5.77
CA ARG A 28 -9.32 0.27 6.09
C ARG A 28 -9.29 -0.56 4.81
N THR A 29 -8.87 0.08 3.73
CA THR A 29 -8.88 -0.54 2.42
C THR A 29 -7.60 -1.31 2.14
N THR A 30 -7.72 -2.62 1.99
CA THR A 30 -6.61 -3.45 1.57
C THR A 30 -6.61 -3.60 0.06
N GLN A 31 -5.49 -3.31 -0.55
CA GLN A 31 -5.41 -3.27 -2.00
C GLN A 31 -4.23 -4.09 -2.53
N TRP A 32 -4.43 -4.74 -3.65
CA TRP A 32 -3.35 -5.46 -4.32
C TRP A 32 -2.78 -4.59 -5.44
N LYS A 33 -2.06 -3.60 -4.97
CA LYS A 33 -1.36 -2.65 -5.84
C LYS A 33 -0.75 -1.53 -5.01
N ARG A 34 0.42 -1.07 -5.41
CA ARG A 34 1.02 0.10 -4.78
C ARG A 34 0.12 1.32 -4.96
N PRO A 35 -0.10 2.07 -3.88
CA PRO A 35 -0.84 3.31 -3.95
C PRO A 35 0.01 4.40 -4.57
N SER A 36 -0.34 4.80 -5.78
CA SER A 36 0.29 5.93 -6.43
C SER A 36 0.15 7.17 -5.53
N PRO A 37 1.12 8.10 -5.55
CA PRO A 37 1.11 9.28 -4.68
C PRO A 37 0.11 10.33 -5.16
N GLU A 38 -0.96 9.86 -5.80
CA GLU A 38 -2.03 10.74 -6.21
C GLU A 38 -3.04 10.85 -5.08
N ASP A 39 -2.66 11.60 -4.05
CA ASP A 39 -3.48 11.73 -2.86
C ASP A 39 -3.22 13.09 -2.21
#